data_1GU5
#
_entry.id   1GU5
#
_cell.length_a   101.596
_cell.length_b   113.037
_cell.length_c   74.498
_cell.angle_alpha   90.00
_cell.angle_beta   90.00
_cell.angle_gamma   90.00
#
_symmetry.space_group_name_H-M   'C 2 2 21'
#
loop_
_entity.id
_entity.type
_entity.pdbx_description
1 polymer 'CAAT/ENHANCER BINDING PROTEIN BETA'
2 polymer "5'-D(*TP*TP*GP*TP*GP*TP*TP*GP*GP*CP* CP*AP*AP*TP*CP*A)-3'"
3 polymer "5'-D(*AP*TP*GP*AP*TP*TP*GP*GP*CP*CP* AP*AP*CP*AP*CP*A)-3'"
4 water water
#
loop_
_entity_poly.entity_id
_entity_poly.type
_entity_poly.pdbx_seq_one_letter_code
_entity_poly.pdbx_strand_id
1 'polypeptide(L)' VKSKAKKTVDKHSDEYKIRRERNNIAVRKSRDKAKMRNLETQHKVLELTAENERLQKKVEQLSRELSTLRNLFKQLPE A,B
2 'polydeoxyribonucleotide' (DT)(DT)(DG)(DT)(DG)(DT)(DT)(DG)(DG)(DC)(DC)(DA)(DA)(DT)(DC)(DA) C
3 'polydeoxyribonucleotide' (DA)(DT)(DG)(DA)(DT)(DT)(DG)(DG)(DC)(DC)(DA)(DA)(DC)(DA)(DC)(DA) D
#
loop_
_chem_comp.id
_chem_comp.type
_chem_comp.name
_chem_comp.formula
DA DNA linking 2'-DEOXYADENOSINE-5'-MONOPHOSPHATE 'C10 H14 N5 O6 P'
DC DNA linking 2'-DEOXYCYTIDINE-5'-MONOPHOSPHATE 'C9 H14 N3 O7 P'
DG DNA linking 2'-DEOXYGUANOSINE-5'-MONOPHOSPHATE 'C10 H14 N5 O7 P'
DT DNA linking THYMIDINE-5'-MONOPHOSPHATE 'C10 H15 N2 O8 P'
#
# COMPACT_ATOMS: atom_id res chain seq x y z
N ASP A 10 40.58 -8.91 16.39
CA ASP A 10 41.45 -9.27 15.23
C ASP A 10 40.68 -10.05 14.17
N LYS A 11 40.91 -9.68 12.91
CA LYS A 11 40.24 -10.32 11.78
C LYS A 11 40.48 -11.82 11.74
N HIS A 12 41.68 -12.25 12.14
CA HIS A 12 42.01 -13.67 12.13
C HIS A 12 41.35 -14.38 13.32
N SER A 13 40.88 -13.60 14.29
CA SER A 13 40.23 -14.15 15.46
C SER A 13 38.99 -14.95 15.04
N ASP A 14 38.82 -16.12 15.65
CA ASP A 14 37.68 -16.96 15.33
C ASP A 14 36.38 -16.30 15.77
N GLU A 15 36.40 -15.65 16.92
CA GLU A 15 35.21 -14.99 17.44
C GLU A 15 34.80 -13.90 16.45
N TYR A 16 35.79 -13.26 15.85
CA TYR A 16 35.53 -12.21 14.89
C TYR A 16 34.79 -12.82 13.72
N LYS A 17 35.35 -13.93 13.21
CA LYS A 17 34.78 -14.63 12.08
C LYS A 17 33.32 -15.03 12.25
N ILE A 18 32.99 -15.68 13.36
CA ILE A 18 31.61 -16.09 13.60
C ILE A 18 30.73 -14.86 13.76
N ARG A 19 31.33 -13.78 14.25
CA ARG A 19 30.62 -12.51 14.45
C ARG A 19 30.16 -11.99 13.10
N ARG A 20 31.10 -11.87 12.16
CA ARG A 20 30.81 -11.38 10.82
C ARG A 20 29.80 -12.31 10.14
N GLU A 21 30.04 -13.61 10.26
CA GLU A 21 29.16 -14.60 9.65
C GLU A 21 27.73 -14.42 10.11
N ARG A 22 27.55 -14.27 11.42
CA ARG A 22 26.22 -14.09 11.96
C ARG A 22 25.60 -12.74 11.67
N ASN A 23 26.42 -11.69 11.60
CA ASN A 23 25.88 -10.37 11.32
C ASN A 23 25.47 -10.28 9.84
N ASN A 24 26.25 -10.89 8.96
CA ASN A 24 25.91 -10.83 7.54
C ASN A 24 24.55 -11.47 7.29
N ILE A 25 24.24 -12.48 8.09
CA ILE A 25 22.96 -13.18 8.02
C ILE A 25 21.86 -12.26 8.55
N ALA A 26 22.14 -11.60 9.67
CA ALA A 26 21.19 -10.69 10.31
C ALA A 26 20.84 -9.52 9.41
N VAL A 27 21.88 -8.90 8.85
CA VAL A 27 21.73 -7.76 7.96
C VAL A 27 20.89 -8.12 6.74
N ARG A 28 21.24 -9.21 6.08
CA ARG A 28 20.51 -9.65 4.90
C ARG A 28 19.04 -9.88 5.30
N LYS A 29 18.85 -10.54 6.44
CA LYS A 29 17.52 -10.85 6.96
C LYS A 29 16.71 -9.60 7.28
N SER A 30 17.37 -8.63 7.92
CA SER A 30 16.71 -7.38 8.28
C SER A 30 16.26 -6.64 7.02
N ARG A 31 17.15 -6.55 6.04
CA ARG A 31 16.81 -5.84 4.83
C ARG A 31 15.81 -6.58 3.93
N ASP A 32 15.79 -7.91 3.99
CA ASP A 32 14.83 -8.65 3.18
C ASP A 32 13.43 -8.45 3.79
N LYS A 33 13.37 -8.33 5.11
CA LYS A 33 12.12 -8.11 5.81
C LYS A 33 11.55 -6.75 5.45
N ALA A 34 12.41 -5.73 5.42
CA ALA A 34 11.97 -4.38 5.08
C ALA A 34 11.52 -4.33 3.62
N LYS A 35 12.22 -5.03 2.72
CA LYS A 35 11.80 -5.03 1.32
C LYS A 35 10.40 -5.63 1.25
N MET A 36 10.16 -6.65 2.07
CA MET A 36 8.86 -7.32 2.12
C MET A 36 7.75 -6.37 2.57
N ARG A 37 7.98 -5.70 3.69
CA ARG A 37 6.99 -4.77 4.22
C ARG A 37 6.66 -3.69 3.20
N ASN A 38 7.67 -3.16 2.50
CA ASN A 38 7.42 -2.12 1.51
C ASN A 38 6.60 -2.64 0.33
N LEU A 39 6.80 -3.89 -0.02
CA LEU A 39 6.04 -4.47 -1.13
C LEU A 39 4.60 -4.67 -0.68
N GLU A 40 4.42 -5.04 0.58
CA GLU A 40 3.09 -5.25 1.14
C GLU A 40 2.30 -3.94 1.06
N THR A 41 2.94 -2.85 1.48
CA THR A 41 2.29 -1.53 1.46
C THR A 41 1.89 -1.16 0.03
N GLN A 42 2.76 -1.44 -0.94
CA GLN A 42 2.46 -1.15 -2.34
C GLN A 42 1.29 -2.02 -2.76
N HIS A 43 1.18 -3.17 -2.12
CA HIS A 43 0.13 -4.12 -2.42
C HIS A 43 -1.21 -3.63 -1.85
N LYS A 44 -1.19 -3.18 -0.60
CA LYS A 44 -2.40 -2.65 0.02
C LYS A 44 -3.00 -1.55 -0.85
N VAL A 45 -2.14 -0.74 -1.46
CA VAL A 45 -2.64 0.33 -2.34
C VAL A 45 -3.41 -0.26 -3.51
N LEU A 46 -2.96 -1.40 -4.03
CA LEU A 46 -3.65 -2.03 -5.14
C LEU A 46 -5.00 -2.59 -4.70
N GLU A 47 -5.02 -3.19 -3.50
CA GLU A 47 -6.23 -3.79 -2.96
C GLU A 47 -7.27 -2.75 -2.61
N LEU A 48 -6.84 -1.71 -1.90
CA LEU A 48 -7.74 -0.64 -1.51
C LEU A 48 -8.33 0.03 -2.74
N THR A 49 -7.52 0.19 -3.77
CA THR A 49 -7.99 0.82 -4.99
C THR A 49 -9.06 -0.02 -5.68
N ALA A 50 -8.85 -1.33 -5.74
CA ALA A 50 -9.80 -2.22 -6.38
C ALA A 50 -11.09 -2.30 -5.57
N GLU A 51 -10.93 -2.35 -4.26
CA GLU A 51 -12.05 -2.43 -3.35
C GLU A 51 -12.88 -1.15 -3.37
N ASN A 52 -12.23 0.02 -3.40
CA ASN A 52 -12.99 1.26 -3.44
C ASN A 52 -13.76 1.34 -4.75
N GLU A 53 -13.15 0.83 -5.81
CA GLU A 53 -13.80 0.81 -7.12
C GLU A 53 -15.07 -0.07 -7.06
N ARG A 54 -14.96 -1.22 -6.39
CA ARG A 54 -16.09 -2.14 -6.24
C ARG A 54 -17.22 -1.49 -5.43
N LEU A 55 -16.86 -0.91 -4.30
CA LEU A 55 -17.83 -0.26 -3.44
C LEU A 55 -18.51 0.90 -4.16
N GLN A 56 -17.74 1.67 -4.92
CA GLN A 56 -18.32 2.81 -5.64
C GLN A 56 -19.35 2.30 -6.64
N LYS A 57 -19.05 1.19 -7.30
CA LYS A 57 -19.99 0.63 -8.28
C LYS A 57 -21.24 0.16 -7.53
N LYS A 58 -21.04 -0.31 -6.31
CA LYS A 58 -22.13 -0.79 -5.48
C LYS A 58 -23.00 0.39 -5.06
N VAL A 59 -22.36 1.51 -4.73
CA VAL A 59 -23.10 2.72 -4.37
C VAL A 59 -24.03 3.06 -5.53
N GLU A 60 -23.51 2.92 -6.75
CA GLU A 60 -24.26 3.24 -7.96
C GLU A 60 -25.36 2.23 -8.27
N GLN A 61 -25.10 0.96 -8.01
CA GLN A 61 -26.10 -0.08 -8.24
C GLN A 61 -27.26 0.10 -7.26
N LEU A 62 -26.94 0.27 -5.99
CA LEU A 62 -27.96 0.47 -4.98
C LEU A 62 -28.79 1.71 -5.30
N SER A 63 -28.14 2.78 -5.74
CA SER A 63 -28.85 4.01 -6.09
C SER A 63 -29.85 3.76 -7.21
N ARG A 64 -29.48 2.93 -8.19
CA ARG A 64 -30.39 2.62 -9.28
C ARG A 64 -31.58 1.84 -8.76
N GLU A 65 -31.32 0.88 -7.88
CA GLU A 65 -32.39 0.06 -7.32
C GLU A 65 -33.37 0.93 -6.52
N LEU A 66 -32.85 1.93 -5.82
CA LEU A 66 -33.73 2.82 -5.07
C LEU A 66 -34.59 3.65 -6.03
N SER A 67 -34.00 4.13 -7.11
CA SER A 67 -34.76 4.93 -8.08
C SER A 67 -35.83 4.11 -8.77
N THR A 68 -35.51 2.84 -9.06
CA THR A 68 -36.46 1.95 -9.73
C THR A 68 -37.66 1.70 -8.83
N LEU A 69 -37.40 1.53 -7.53
CA LEU A 69 -38.46 1.31 -6.57
C LEU A 69 -39.34 2.54 -6.46
N ARG A 70 -38.71 3.70 -6.32
CA ARG A 70 -39.45 4.94 -6.17
C ARG A 70 -40.30 5.32 -7.36
N ASN A 71 -40.05 4.68 -8.51
CA ASN A 71 -40.85 4.97 -9.69
C ASN A 71 -42.22 4.33 -9.53
N LEU A 72 -42.30 3.28 -8.74
CA LEU A 72 -43.56 2.59 -8.51
C LEU A 72 -44.60 3.56 -7.96
N PHE A 73 -44.12 4.56 -7.22
CA PHE A 73 -45.01 5.56 -6.65
C PHE A 73 -45.67 6.34 -7.78
N LYS A 74 -44.91 6.59 -8.84
CA LYS A 74 -45.42 7.33 -9.99
C LYS A 74 -46.27 6.41 -10.87
N GLN A 75 -47.36 6.00 -10.41
N ASP B 10 42.47 -1.26 -11.06
CA ASP B 10 43.45 -0.51 -10.23
C ASP B 10 42.72 0.26 -9.13
N LYS B 11 42.38 -0.45 -8.05
CA LYS B 11 41.66 0.13 -6.92
C LYS B 11 42.49 1.13 -6.09
N HIS B 12 43.40 1.82 -6.75
CA HIS B 12 44.24 2.83 -6.09
C HIS B 12 44.34 4.02 -7.03
N SER B 13 43.98 3.76 -8.28
CA SER B 13 43.99 4.77 -9.34
C SER B 13 43.27 6.05 -8.93
N ASP B 14 43.34 7.06 -9.79
CA ASP B 14 42.68 8.32 -9.54
C ASP B 14 41.34 8.26 -10.25
N GLU B 15 41.35 7.62 -11.42
CA GLU B 15 40.14 7.46 -12.22
C GLU B 15 39.15 6.59 -11.44
N TYR B 16 39.69 5.62 -10.71
CA TYR B 16 38.89 4.71 -9.92
C TYR B 16 38.16 5.48 -8.82
N LYS B 17 38.92 6.09 -7.93
CA LYS B 17 38.37 6.84 -6.81
C LYS B 17 37.29 7.84 -7.22
N ILE B 18 37.39 8.38 -8.44
CA ILE B 18 36.39 9.34 -8.89
C ILE B 18 35.18 8.59 -9.42
N ARG B 19 35.41 7.37 -9.90
CA ARG B 19 34.31 6.56 -10.41
C ARG B 19 33.50 6.11 -9.21
N ARG B 20 34.20 5.74 -8.14
CA ARG B 20 33.54 5.32 -6.91
C ARG B 20 32.72 6.48 -6.35
N GLU B 21 33.31 7.68 -6.31
CA GLU B 21 32.59 8.84 -5.79
C GLU B 21 31.28 9.06 -6.54
N ARG B 22 31.33 8.97 -7.85
CA ARG B 22 30.12 9.15 -8.66
C ARG B 22 29.06 8.09 -8.31
N ASN B 23 29.46 6.83 -8.20
CA ASN B 23 28.49 5.79 -7.90
C ASN B 23 27.92 5.96 -6.50
N ASN B 24 28.76 6.28 -5.52
CA ASN B 24 28.26 6.46 -4.15
C ASN B 24 27.21 7.56 -4.10
N ILE B 25 27.35 8.56 -4.95
CA ILE B 25 26.40 9.65 -5.00
C ILE B 25 25.11 9.15 -5.65
N ALA B 26 25.26 8.36 -6.71
CA ALA B 26 24.10 7.83 -7.40
C ALA B 26 23.34 6.87 -6.48
N VAL B 27 24.07 6.12 -5.66
CA VAL B 27 23.45 5.19 -4.73
C VAL B 27 22.61 5.94 -3.69
N ARG B 28 23.18 6.99 -3.09
CA ARG B 28 22.41 7.76 -2.12
C ARG B 28 21.18 8.37 -2.79
N LYS B 29 21.32 8.83 -4.01
CA LYS B 29 20.20 9.45 -4.70
C LYS B 29 19.11 8.40 -4.99
N SER B 30 19.55 7.22 -5.44
CA SER B 30 18.62 6.14 -5.74
C SER B 30 17.89 5.69 -4.48
N ARG B 31 18.61 5.59 -3.36
CA ARG B 31 17.98 5.17 -2.11
C ARG B 31 17.03 6.22 -1.53
N ASP B 32 17.36 7.50 -1.70
CA ASP B 32 16.48 8.57 -1.22
C ASP B 32 15.16 8.50 -2.00
N LYS B 33 15.27 8.32 -3.31
CA LYS B 33 14.14 8.25 -4.20
C LYS B 33 13.23 7.09 -3.81
N ALA B 34 13.82 5.93 -3.53
CA ALA B 34 13.07 4.76 -3.13
C ALA B 34 12.40 4.97 -1.79
N LYS B 35 13.10 5.56 -0.83
CA LYS B 35 12.50 5.78 0.48
C LYS B 35 11.39 6.83 0.42
N MET B 36 11.52 7.78 -0.50
CA MET B 36 10.48 8.80 -0.64
C MET B 36 9.22 8.13 -1.17
N ARG B 37 9.42 7.33 -2.23
CA ARG B 37 8.37 6.58 -2.88
C ARG B 37 7.62 5.76 -1.84
N ASN B 38 8.36 5.15 -0.93
CA ASN B 38 7.75 4.34 0.11
C ASN B 38 6.89 5.21 1.02
N LEU B 39 7.40 6.39 1.34
CA LEU B 39 6.70 7.33 2.20
C LEU B 39 5.39 7.76 1.53
N GLU B 40 5.45 8.00 0.22
CA GLU B 40 4.28 8.41 -0.52
C GLU B 40 3.24 7.28 -0.48
N THR B 41 3.71 6.06 -0.70
CA THR B 41 2.82 4.91 -0.71
C THR B 41 2.11 4.77 0.62
N GLN B 42 2.84 4.96 1.71
CA GLN B 42 2.23 4.85 3.03
C GLN B 42 1.12 5.90 3.17
N HIS B 43 1.34 7.06 2.55
CA HIS B 43 0.37 8.15 2.58
C HIS B 43 -0.85 7.77 1.77
N LYS B 44 -0.61 7.20 0.60
CA LYS B 44 -1.67 6.78 -0.30
C LYS B 44 -2.57 5.75 0.39
N VAL B 45 -1.99 4.93 1.26
CA VAL B 45 -2.77 3.93 1.97
C VAL B 45 -3.72 4.58 2.99
N LEU B 46 -3.22 5.55 3.74
CA LEU B 46 -4.06 6.25 4.72
C LEU B 46 -5.22 6.93 3.99
N GLU B 47 -4.91 7.51 2.85
CA GLU B 47 -5.90 8.21 2.03
C GLU B 47 -6.96 7.24 1.52
N LEU B 48 -6.50 6.13 0.93
CA LEU B 48 -7.41 5.12 0.39
C LEU B 48 -8.23 4.48 1.49
N THR B 49 -7.63 4.36 2.68
CA THR B 49 -8.32 3.76 3.80
C THR B 49 -9.47 4.65 4.27
N ALA B 50 -9.25 5.96 4.27
CA ALA B 50 -10.28 6.89 4.68
C ALA B 50 -11.43 6.83 3.67
N GLU B 51 -11.06 6.79 2.39
CA GLU B 51 -12.05 6.72 1.33
C GLU B 51 -12.82 5.40 1.42
N ASN B 52 -12.12 4.32 1.71
CA ASN B 52 -12.75 3.02 1.82
C ASN B 52 -13.78 3.03 2.94
N GLU B 53 -13.44 3.66 4.06
CA GLU B 53 -14.38 3.72 5.17
C GLU B 53 -15.58 4.60 4.80
N ARG B 54 -15.35 5.63 3.99
CA ARG B 54 -16.44 6.50 3.56
C ARG B 54 -17.39 5.70 2.69
N LEU B 55 -16.83 4.93 1.76
CA LEU B 55 -17.63 4.12 0.87
C LEU B 55 -18.41 3.05 1.64
N GLN B 56 -17.76 2.43 2.63
CA GLN B 56 -18.44 1.41 3.43
C GLN B 56 -19.67 1.96 4.12
N LYS B 57 -19.55 3.14 4.72
CA LYS B 57 -20.69 3.73 5.40
C LYS B 57 -21.81 4.05 4.41
N LYS B 58 -21.42 4.56 3.25
CA LYS B 58 -22.36 4.91 2.20
C LYS B 58 -23.15 3.68 1.73
N VAL B 59 -22.43 2.60 1.45
CA VAL B 59 -23.07 1.36 0.99
C VAL B 59 -24.02 0.82 2.07
N GLU B 60 -23.59 0.89 3.34
CA GLU B 60 -24.43 0.43 4.44
C GLU B 60 -25.69 1.31 4.52
N GLN B 61 -25.50 2.62 4.44
CA GLN B 61 -26.62 3.54 4.51
C GLN B 61 -27.65 3.27 3.41
N LEU B 62 -27.19 3.15 2.16
CA LEU B 62 -28.09 2.88 1.05
C LEU B 62 -28.74 1.49 1.17
N SER B 63 -28.00 0.50 1.64
CA SER B 63 -28.59 -0.84 1.78
C SER B 63 -29.78 -0.82 2.76
N ARG B 64 -29.63 -0.10 3.88
CA ARG B 64 -30.70 0.01 4.86
C ARG B 64 -31.89 0.79 4.27
N GLU B 65 -31.59 1.84 3.51
CA GLU B 65 -32.64 2.65 2.89
C GLU B 65 -33.43 1.76 1.94
N LEU B 66 -32.72 1.00 1.13
CA LEU B 66 -33.35 0.12 0.18
C LEU B 66 -34.20 -0.93 0.91
N SER B 67 -33.63 -1.50 1.98
CA SER B 67 -34.33 -2.53 2.75
C SER B 67 -35.62 -1.96 3.34
N THR B 68 -35.54 -0.78 3.95
CA THR B 68 -36.71 -0.15 4.52
C THR B 68 -37.77 0.08 3.45
N LEU B 69 -37.36 0.65 2.31
CA LEU B 69 -38.29 0.91 1.23
C LEU B 69 -38.94 -0.35 0.67
N ARG B 70 -38.16 -1.42 0.52
CA ARG B 70 -38.72 -2.66 0.01
C ARG B 70 -39.72 -3.23 1.01
N ASN B 71 -39.42 -3.10 2.29
CA ASN B 71 -40.34 -3.61 3.27
C ASN B 71 -41.67 -2.87 3.15
N LEU B 72 -41.63 -1.57 2.88
CA LEU B 72 -42.86 -0.80 2.74
C LEU B 72 -43.73 -1.34 1.62
N PHE B 73 -43.17 -1.48 0.42
CA PHE B 73 -43.96 -1.98 -0.69
C PHE B 73 -44.55 -3.34 -0.36
N LYS B 74 -43.76 -4.17 0.31
CA LYS B 74 -44.21 -5.48 0.68
C LYS B 74 -45.44 -5.41 1.58
N GLN B 75 -45.45 -4.46 2.52
CA GLN B 75 -46.57 -4.30 3.44
C GLN B 75 -47.87 -3.80 2.82
N LEU B 76 -47.96 -3.78 1.50
CA LEU B 76 -49.19 -3.34 0.84
C LEU B 76 -50.32 -4.34 1.00
N PRO B 77 -51.43 -4.07 0.49
#